data_6ZOR
#
_entry.id   6ZOR
#
_cell.length_a   106.560
_cell.length_b   52.500
_cell.length_c   86.010
_cell.angle_alpha   90.000
_cell.angle_beta   93.060
_cell.angle_gamma   90.000
#
_symmetry.space_group_name_H-M   'C 1 2 1'
#
loop_
_entity.id
_entity.type
_entity.pdbx_description
1 polymer 'Estrogen receptor'
2 non-polymer 6-[(6~{S},8~{R})-8-methyl-7-[2,2,2-tris(fluoranyl)ethyl]-3,6,8,9-tetrahydropyrazolo[4,3-f]isoquinolin-6-yl]-~{N}-(1-propylazetidin-3-yl)pyridin-3-amine
3 water water
#
_entity_poly.entity_id   1
_entity_poly.type   'polypeptide(L)'
_entity_poly.pdbx_seq_one_letter_code
;GSHMALSLTADQMVSALLDAEPPILYSEYDPTRPFSEASMMGLLTNLADRELVHMINWAKRVPGFVDLTLHDQVHLLESA
WLEILMIGLVWRSMEHPGKLLFAPNLLLDRNQGKSVEGMVEIFDMLLATSSRFRMMNLQGEEFVCLKSIILLNSGVYTFL
SSTLKSLEEKDHIHRVLDKITDTLIHLMAKAGLTLQQQHQRLAQLLLILSHIRHMSNKGMEHLYSMKSKNVVPSYDLLLE
MLDAHRLHAPTS
;
_entity_poly.pdbx_strand_id   A,B
#
loop_
_chem_comp.id
_chem_comp.type
_chem_comp.name
_chem_comp.formula
QNH non-polymer 6-[(6~{S},8~{R})-8-methyl-7-[2,2,2-tris(fluoranyl)ethyl]-3,6,8,9-tetrahydropyrazolo[4,3-f]isoquinolin-6-yl]-~{N}-(1-propylazetidin-3-yl)pyridin-3-amine 'C24 H29 F3 N6'
#
# COMPACT_ATOMS: atom_id res chain seq x y z
N GLY A 1 -36.28 1.92 5.81
CA GLY A 1 -35.74 2.03 4.44
C GLY A 1 -34.30 1.55 4.36
N SER A 2 -33.74 1.62 3.16
CA SER A 2 -32.36 1.22 2.91
C SER A 2 -31.76 2.32 2.08
N HIS A 3 -30.66 2.88 2.56
CA HIS A 3 -29.86 3.82 1.77
C HIS A 3 -29.03 3.03 0.80
N MET A 4 -28.88 3.54 -0.42
CA MET A 4 -27.84 3.02 -1.29
C MET A 4 -26.58 3.86 -1.01
N ALA A 5 -25.46 3.14 -0.94
CA ALA A 5 -24.10 3.66 -0.67
C ALA A 5 -23.78 4.99 -1.38
N LEU A 6 -24.14 5.06 -2.67
CA LEU A 6 -23.76 6.19 -3.51
C LEU A 6 -24.58 7.43 -3.27
N SER A 7 -25.72 7.25 -2.61
CA SER A 7 -26.61 8.37 -2.30
C SER A 7 -26.18 9.15 -1.06
N LEU A 8 -25.39 8.54 -0.18
CA LEU A 8 -25.05 9.12 1.15
C LEU A 8 -24.29 10.41 1.05
N THR A 9 -24.60 11.37 1.90
CA THR A 9 -23.77 12.56 2.08
C THR A 9 -22.55 12.17 2.95
N ALA A 10 -21.58 13.08 3.01
CA ALA A 10 -20.43 12.98 3.90
C ALA A 10 -20.78 12.67 5.36
N ASP A 11 -21.69 13.46 5.95
CA ASP A 11 -22.16 13.24 7.36
C ASP A 11 -22.83 11.91 7.65
N GLN A 12 -23.67 11.44 6.71
CA GLN A 12 -24.27 10.08 6.71
C GLN A 12 -23.27 8.93 6.51
N MET A 13 -22.19 9.19 5.75
CA MET A 13 -21.12 8.20 5.52
C MET A 13 -20.36 7.98 6.83
N VAL A 14 -19.95 9.08 7.44
CA VAL A 14 -19.24 9.12 8.72
C VAL A 14 -20.03 8.42 9.81
N SER A 15 -21.31 8.81 9.94
CA SER A 15 -22.22 8.25 10.94
C SER A 15 -22.40 6.78 10.73
N ALA A 16 -22.59 6.36 9.47
CA ALA A 16 -22.68 4.92 9.20
C ALA A 16 -21.41 4.16 9.64
N LEU A 17 -20.24 4.78 9.43
CA LEU A 17 -18.94 4.18 9.73
C LEU A 17 -18.62 4.19 11.23
N LEU A 18 -18.76 5.36 11.87
CA LEU A 18 -18.74 5.43 13.33
C LEU A 18 -19.62 4.38 14.01
N ASP A 19 -20.88 4.26 13.60
CA ASP A 19 -21.83 3.30 14.22
C ASP A 19 -21.50 1.85 13.92
N ALA A 20 -20.73 1.63 12.86
CA ALA A 20 -20.32 0.27 12.50
C ALA A 20 -19.11 -0.25 13.33
N GLU A 21 -18.41 0.66 14.01
CA GLU A 21 -17.14 0.37 14.69
C GLU A 21 -17.25 -0.73 15.72
N PRO A 22 -16.34 -1.74 15.66
CA PRO A 22 -16.39 -2.83 16.62
C PRO A 22 -15.89 -2.42 18.02
N PRO A 23 -16.23 -3.21 19.06
CA PRO A 23 -15.79 -2.85 20.40
C PRO A 23 -14.29 -3.12 20.61
N ILE A 24 -13.71 -2.46 21.60
CA ILE A 24 -12.34 -2.79 22.05
C ILE A 24 -12.40 -4.09 22.87
N LEU A 25 -11.74 -5.15 22.38
CA LEU A 25 -11.75 -6.44 23.06
C LEU A 25 -10.59 -6.61 24.05
N TYR A 26 -10.84 -7.39 25.11
CA TYR A 26 -9.82 -7.73 26.10
C TYR A 26 -9.16 -9.05 25.81
N SER A 27 -7.87 -9.14 26.18
CA SER A 27 -7.12 -10.40 26.10
C SER A 27 -7.64 -11.39 27.18
N GLU A 28 -7.66 -12.67 26.84
CA GLU A 28 -8.18 -13.70 27.75
C GLU A 28 -7.05 -14.40 28.49
N TYR A 29 -6.77 -13.88 29.68
CA TYR A 29 -5.92 -14.56 30.67
C TYR A 29 -6.45 -14.25 32.11
N ASP A 30 -5.97 -15.03 33.08
CA ASP A 30 -6.29 -14.80 34.48
C ASP A 30 -5.28 -13.82 35.08
N PRO A 31 -5.74 -12.62 35.50
CA PRO A 31 -4.81 -11.58 36.05
C PRO A 31 -4.14 -11.93 37.40
N THR A 32 -4.56 -13.06 38.01
CA THR A 32 -3.87 -13.67 39.16
C THR A 32 -2.56 -14.41 38.78
N ARG A 33 -2.60 -15.20 37.70
CA ARG A 33 -1.41 -15.92 37.22
C ARG A 33 -0.49 -14.98 36.45
N PRO A 34 0.82 -15.16 36.62
CA PRO A 34 1.84 -14.32 35.98
C PRO A 34 1.87 -14.49 34.46
N PHE A 35 2.36 -13.46 33.77
CA PHE A 35 2.49 -13.44 32.31
C PHE A 35 3.60 -14.37 31.79
N SER A 36 4.42 -14.87 32.73
CA SER A 36 5.38 -15.95 32.45
C SER A 36 4.67 -17.31 32.22
N GLU A 37 3.46 -17.45 32.78
CA GLU A 37 2.66 -18.67 32.60
C GLU A 37 1.77 -18.71 31.32
N ALA A 38 2.08 -17.86 30.33
CA ALA A 38 1.30 -17.79 29.08
C ALA A 38 2.14 -17.46 27.82
N SER A 39 1.72 -18.00 26.69
CA SER A 39 2.37 -17.81 25.39
C SER A 39 1.96 -16.45 24.83
N MET A 40 2.94 -15.70 24.30
CA MET A 40 2.67 -14.44 23.63
C MET A 40 1.85 -14.66 22.36
N MET A 41 2.34 -15.51 21.45
CA MET A 41 1.57 -15.92 20.29
C MET A 41 0.21 -16.48 20.68
N GLY A 42 0.13 -17.23 21.79
CA GLY A 42 -1.18 -17.76 22.28
C GLY A 42 -2.22 -16.68 22.50
N LEU A 43 -1.81 -15.63 23.22
CA LEU A 43 -2.71 -14.53 23.50
C LEU A 43 -3.13 -13.79 22.23
N LEU A 44 -2.20 -13.57 21.31
CA LEU A 44 -2.47 -12.77 20.09
C LEU A 44 -3.40 -13.51 19.14
N THR A 45 -3.21 -14.82 19.07
CA THR A 45 -4.01 -15.68 18.22
C THR A 45 -5.45 -15.70 18.72
N ASN A 46 -5.61 -15.79 20.03
CA ASN A 46 -6.92 -15.82 20.65
C ASN A 46 -7.67 -14.52 20.41
N LEU A 47 -6.95 -13.41 20.56
CA LEU A 47 -7.51 -12.08 20.37
C LEU A 47 -7.90 -11.85 18.91
N ALA A 48 -7.03 -12.25 18.00
CA ALA A 48 -7.24 -12.10 16.56
C ALA A 48 -8.48 -12.87 16.10
N ASP A 49 -8.64 -14.11 16.59
CA ASP A 49 -9.83 -14.93 16.32
C ASP A 49 -11.12 -14.32 16.76
N ARG A 50 -11.12 -13.68 17.93
CA ARG A 50 -12.30 -13.05 18.43
C ARG A 50 -12.55 -11.75 17.66
N GLU A 51 -11.49 -10.99 17.34
CA GLU A 51 -11.68 -9.76 16.53
C GLU A 51 -12.28 -10.04 15.14
N LEU A 52 -11.89 -11.17 14.56
CA LEU A 52 -12.34 -11.60 13.23
C LEU A 52 -13.87 -11.71 13.08
N VAL A 53 -14.50 -12.34 14.10
CA VAL A 53 -15.98 -12.40 14.20
C VAL A 53 -16.62 -11.00 14.16
N HIS A 54 -16.10 -10.05 14.94
CA HIS A 54 -16.57 -8.64 14.86
C HIS A 54 -16.28 -7.96 13.54
N MET A 55 -15.18 -8.39 12.90
CA MET A 55 -14.76 -7.82 11.60
C MET A 55 -15.77 -8.18 10.52
N ILE A 56 -16.35 -9.38 10.64
CA ILE A 56 -17.40 -9.81 9.71
C ILE A 56 -18.57 -8.85 9.79
N ASN A 57 -18.99 -8.56 11.05
CA ASN A 57 -20.17 -7.79 11.31
C ASN A 57 -19.91 -6.39 10.90
N TRP A 58 -18.68 -5.94 11.16
CA TRP A 58 -18.30 -4.59 10.76
C TRP A 58 -18.32 -4.46 9.19
N ALA A 59 -17.75 -5.45 8.49
CA ALA A 59 -17.65 -5.36 6.99
C ALA A 59 -19.06 -5.22 6.34
N LYS A 60 -20.04 -5.96 6.87
CA LYS A 60 -21.44 -5.90 6.41
C LYS A 60 -22.11 -4.54 6.57
N ARG A 61 -21.52 -3.68 7.39
CA ARG A 61 -22.07 -2.35 7.65
C ARG A 61 -21.28 -1.24 6.92
N VAL A 62 -20.26 -1.63 6.15
CA VAL A 62 -19.55 -0.67 5.32
C VAL A 62 -20.41 -0.46 4.05
N PRO A 63 -20.87 0.79 3.80
CA PRO A 63 -21.73 1.08 2.64
C PRO A 63 -21.13 0.53 1.35
N GLY A 64 -21.96 -0.15 0.55
CA GLY A 64 -21.53 -0.80 -0.70
C GLY A 64 -21.09 -2.23 -0.55
N PHE A 65 -20.63 -2.63 0.64
CA PHE A 65 -20.07 -3.98 0.81
C PHE A 65 -21.05 -5.08 0.45
N VAL A 66 -22.26 -5.02 1.02
CA VAL A 66 -23.27 -6.09 0.77
C VAL A 66 -23.85 -6.03 -0.65
N ASP A 67 -23.57 -4.95 -1.38
CA ASP A 67 -23.94 -4.82 -2.78
C ASP A 67 -23.17 -5.81 -3.67
N LEU A 68 -22.04 -6.31 -3.17
CA LEU A 68 -21.19 -7.25 -3.88
C LEU A 68 -21.68 -8.66 -3.65
N THR A 69 -21.28 -9.55 -4.56
CA THR A 69 -21.57 -10.97 -4.46
C THR A 69 -20.87 -11.55 -3.24
N LEU A 70 -21.42 -12.64 -2.73
CA LEU A 70 -20.78 -13.35 -1.66
C LEU A 70 -19.30 -13.60 -1.96
N HIS A 71 -19.05 -14.18 -3.14
CA HIS A 71 -17.72 -14.52 -3.61
C HIS A 71 -16.73 -13.34 -3.51
N ASP A 72 -17.16 -12.16 -3.96
CA ASP A 72 -16.37 -10.93 -3.94
C ASP A 72 -16.16 -10.38 -2.53
N GLN A 73 -17.11 -10.66 -1.62
CA GLN A 73 -17.06 -10.13 -0.27
C GLN A 73 -15.97 -10.88 0.45
N VAL A 74 -15.97 -12.19 0.23
CA VAL A 74 -15.01 -13.09 0.78
C VAL A 74 -13.55 -12.82 0.28
N HIS A 75 -13.39 -12.45 -0.98
CA HIS A 75 -12.05 -12.24 -1.56
C HIS A 75 -11.45 -10.98 -0.93
N LEU A 76 -12.27 -9.95 -0.75
CA LEU A 76 -11.82 -8.69 -0.16
C LEU A 76 -11.42 -8.88 1.30
N LEU A 77 -12.25 -9.62 2.03
CA LEU A 77 -12.00 -9.88 3.44
C LEU A 77 -10.74 -10.71 3.62
N GLU A 78 -10.56 -11.69 2.76
CA GLU A 78 -9.39 -12.57 2.82
C GLU A 78 -8.08 -11.83 2.54
N SER A 79 -8.12 -10.80 1.69
CA SER A 79 -6.93 -10.05 1.35
C SER A 79 -6.62 -8.90 2.30
N ALA A 80 -7.63 -8.41 3.00
CA ALA A 80 -7.40 -7.27 3.88
C ALA A 80 -7.61 -7.50 5.36
N TRP A 81 -7.79 -8.74 5.78
CA TRP A 81 -8.09 -8.92 7.24
C TRP A 81 -6.91 -8.54 8.16
N LEU A 82 -5.67 -8.92 7.80
CA LEU A 82 -4.49 -8.50 8.60
C LEU A 82 -4.27 -6.98 8.62
N GLU A 83 -4.43 -6.32 7.47
CA GLU A 83 -4.31 -4.85 7.37
C GLU A 83 -5.35 -4.18 8.26
N ILE A 84 -6.54 -4.78 8.37
CA ILE A 84 -7.60 -4.25 9.23
C ILE A 84 -7.28 -4.37 10.71
N LEU A 85 -6.81 -5.53 11.16
CA LEU A 85 -6.30 -5.69 12.54
C LEU A 85 -5.15 -4.74 12.80
N MET A 86 -4.25 -4.60 11.81
CA MET A 86 -3.05 -3.78 12.01
C MET A 86 -3.36 -2.30 12.11
N ILE A 87 -4.28 -1.80 11.30
CA ILE A 87 -4.62 -0.36 11.41
C ILE A 87 -5.38 -0.06 12.73
N GLY A 88 -6.16 -1.02 13.21
CA GLY A 88 -6.87 -0.85 14.46
C GLY A 88 -5.86 -0.79 15.59
N LEU A 89 -4.82 -1.61 15.49
CA LEU A 89 -3.76 -1.66 16.50
C LEU A 89 -2.97 -0.35 16.53
N VAL A 90 -2.51 0.12 15.37
CA VAL A 90 -1.74 1.36 15.30
C VAL A 90 -2.56 2.53 15.84
N TRP A 91 -3.85 2.57 15.49
CA TRP A 91 -4.75 3.58 16.03
C TRP A 91 -4.85 3.59 17.59
N ARG A 92 -5.07 2.43 18.20
CA ARG A 92 -5.19 2.46 19.64
C ARG A 92 -3.85 2.59 20.40
N SER A 93 -2.72 2.37 19.70
CA SER A 93 -1.37 2.50 20.26
C SER A 93 -0.83 3.93 20.22
N MET A 94 -1.51 4.79 19.48
CA MET A 94 -1.12 6.20 19.28
C MET A 94 -0.70 6.95 20.54
N GLU A 95 -1.47 6.81 21.63
CA GLU A 95 -1.16 7.51 22.89
C GLU A 95 -0.17 6.74 23.78
N HIS A 96 0.40 5.65 23.26
CA HIS A 96 1.35 4.83 24.02
C HIS A 96 2.70 4.67 23.31
N PRO A 97 3.47 5.80 23.16
CA PRO A 97 4.75 5.79 22.48
C PRO A 97 5.60 4.62 22.92
N GLY A 98 6.27 3.99 21.96
CA GLY A 98 7.08 2.83 22.24
C GLY A 98 6.30 1.55 22.58
N LYS A 99 4.96 1.60 22.69
CA LYS A 99 4.20 0.37 23.06
C LYS A 99 3.04 0.06 22.10
N LEU A 100 2.80 -1.23 21.87
CA LEU A 100 1.61 -1.67 21.15
C LEU A 100 0.48 -2.11 22.11
N LEU A 101 -0.66 -1.43 22.02
CA LEU A 101 -1.88 -1.72 22.79
C LEU A 101 -2.69 -2.79 22.08
N PHE A 102 -2.28 -4.03 22.17
CA PHE A 102 -3.08 -5.08 21.58
C PHE A 102 -4.47 -5.11 22.21
N ALA A 103 -4.54 -4.94 23.52
CA ALA A 103 -5.80 -4.91 24.26
C ALA A 103 -5.54 -4.06 25.49
N PRO A 104 -6.59 -3.54 26.18
CA PRO A 104 -6.28 -2.73 27.38
C PRO A 104 -5.49 -3.44 28.50
N ASN A 105 -5.46 -4.78 28.49
CA ASN A 105 -4.66 -5.59 29.41
C ASN A 105 -3.54 -6.34 28.69
N LEU A 106 -3.10 -5.78 27.56
CA LEU A 106 -2.05 -6.39 26.78
C LEU A 106 -1.31 -5.29 26.04
N LEU A 107 -0.55 -4.51 26.79
CA LEU A 107 0.20 -3.39 26.26
C LEU A 107 1.65 -3.87 26.22
N LEU A 108 2.18 -4.12 25.02
CA LEU A 108 3.51 -4.70 24.86
C LEU A 108 4.58 -3.73 24.33
N ASP A 109 5.78 -3.79 24.89
CA ASP A 109 6.93 -3.03 24.34
C ASP A 109 7.82 -3.89 23.43
N ARG A 110 8.86 -3.27 22.87
CA ARG A 110 9.80 -3.93 21.94
C ARG A 110 10.45 -5.20 22.50
N ASN A 111 10.96 -5.12 23.73
CA ASN A 111 11.76 -6.20 24.32
C ASN A 111 10.89 -7.45 24.48
N GLN A 112 9.60 -7.23 24.71
CA GLN A 112 8.59 -8.28 24.79
C GLN A 112 8.34 -8.99 23.46
N GLY A 113 8.55 -8.27 22.34
CA GLY A 113 8.36 -8.83 20.99
C GLY A 113 9.48 -9.72 20.51
N LYS A 114 10.67 -9.50 21.08
CA LYS A 114 11.89 -10.27 20.75
C LYS A 114 11.82 -11.74 21.20
N SER A 115 10.80 -12.10 21.97
CA SER A 115 10.60 -13.47 22.44
C SER A 115 10.20 -14.44 21.31
N VAL A 116 9.23 -14.06 20.48
CA VAL A 116 8.94 -14.79 19.23
C VAL A 116 9.81 -14.23 18.09
N GLU A 117 10.36 -15.13 17.27
CA GLU A 117 11.31 -14.79 16.21
C GLU A 117 10.63 -14.26 14.95
N GLY A 118 11.26 -13.28 14.30
CA GLY A 118 10.70 -12.61 13.13
C GLY A 118 9.74 -11.50 13.53
N MET A 119 9.22 -11.61 14.74
CA MET A 119 8.19 -10.76 15.27
C MET A 119 8.68 -9.34 15.61
N VAL A 120 9.98 -9.15 15.77
CA VAL A 120 10.54 -7.85 16.14
C VAL A 120 10.52 -6.83 14.98
N GLU A 121 10.76 -7.29 13.77
CA GLU A 121 10.76 -6.41 12.60
C GLU A 121 9.37 -5.83 12.43
N ILE A 122 8.36 -6.68 12.57
CA ILE A 122 6.97 -6.25 12.43
C ILE A 122 6.57 -5.27 13.53
N PHE A 123 6.99 -5.55 14.76
CA PHE A 123 6.69 -4.67 15.88
C PHE A 123 7.22 -3.27 15.62
N ASP A 124 8.47 -3.19 15.16
CA ASP A 124 9.10 -1.90 14.87
C ASP A 124 8.28 -1.16 13.81
N MET A 125 7.99 -1.83 12.71
CA MET A 125 7.16 -1.23 11.67
C MET A 125 5.81 -0.72 12.21
N LEU A 126 5.16 -1.52 13.08
CA LEU A 126 3.88 -1.12 13.71
C LEU A 126 4.05 0.11 14.55
N LEU A 127 5.10 0.13 15.37
CA LEU A 127 5.42 1.31 16.21
C LEU A 127 5.66 2.59 15.44
N ALA A 128 6.39 2.50 14.33
CA ALA A 128 6.66 3.68 13.45
C ALA A 128 5.37 4.14 12.76
N THR A 129 4.49 3.22 12.40
CA THR A 129 3.23 3.62 11.80
C THR A 129 2.39 4.36 12.82
N SER A 130 2.38 3.82 14.03
CA SER A 130 1.68 4.42 15.13
C SER A 130 2.19 5.86 15.48
N SER A 131 3.50 6.04 15.47
CA SER A 131 4.03 7.38 15.73
C SER A 131 3.77 8.34 14.54
N ARG A 132 3.80 7.84 13.31
CA ARG A 132 3.38 8.62 12.16
C ARG A 132 1.91 9.12 12.30
N PHE A 133 1.00 8.22 12.68
CA PHE A 133 -0.38 8.60 12.98
C PHE A 133 -0.51 9.64 14.13
N ARG A 134 0.34 9.53 15.14
CA ARG A 134 0.33 10.50 16.23
C ARG A 134 0.76 11.86 15.68
N MET A 135 1.97 11.91 15.12
CA MET A 135 2.54 13.16 14.52
C MET A 135 1.57 13.92 13.58
N MET A 136 0.71 13.18 12.87
CA MET A 136 -0.35 13.76 12.03
C MET A 136 -1.65 14.14 12.74
N ASN A 137 -1.78 13.78 14.03
CA ASN A 137 -3.00 13.91 14.84
C ASN A 137 -4.19 13.26 14.13
N LEU A 138 -4.03 11.99 13.75
CA LEU A 138 -5.10 11.32 13.02
C LEU A 138 -6.35 11.35 13.87
N GLN A 139 -7.52 11.65 13.24
CA GLN A 139 -8.83 11.71 13.94
C GLN A 139 -9.66 10.45 13.73
N GLY A 140 -10.49 10.13 14.73
CA GLY A 140 -11.39 8.97 14.66
C GLY A 140 -12.23 8.91 13.38
N GLU A 141 -12.69 10.07 12.92
CA GLU A 141 -13.49 10.21 11.70
C GLU A 141 -12.69 9.83 10.46
N GLU A 142 -11.39 10.10 10.51
CA GLU A 142 -10.50 9.79 9.43
C GLU A 142 -10.16 8.30 9.49
N PHE A 143 -10.00 7.77 10.71
CA PHE A 143 -9.58 6.40 10.90
C PHE A 143 -10.63 5.47 10.30
N VAL A 144 -11.90 5.83 10.47
CA VAL A 144 -12.99 4.93 9.98
C VAL A 144 -13.03 4.87 8.43
N CYS A 145 -12.74 6.02 7.79
CA CYS A 145 -12.65 6.10 6.34
C CYS A 145 -11.45 5.27 5.81
N LEU A 146 -10.29 5.38 6.48
CA LEU A 146 -9.07 4.60 6.11
C LEU A 146 -9.34 3.13 6.24
N LYS A 147 -10.03 2.75 7.29
CA LYS A 147 -10.25 1.35 7.51
C LYS A 147 -11.19 0.77 6.44
N SER A 148 -12.21 1.54 6.06
CA SER A 148 -13.08 1.19 4.95
C SER A 148 -12.36 1.16 3.58
N ILE A 149 -11.47 2.11 3.34
CA ILE A 149 -10.64 2.09 2.12
C ILE A 149 -9.86 0.80 1.98
N ILE A 150 -9.22 0.40 3.07
CA ILE A 150 -8.43 -0.82 3.09
C ILE A 150 -9.26 -2.03 2.70
N LEU A 151 -10.44 -2.16 3.28
CA LEU A 151 -11.31 -3.28 2.98
C LEU A 151 -11.70 -3.39 1.50
N LEU A 152 -12.05 -2.27 0.90
CA LEU A 152 -12.50 -2.26 -0.49
C LEU A 152 -11.40 -2.22 -1.55
N ASN A 153 -10.23 -1.69 -1.19
CA ASN A 153 -9.15 -1.56 -2.15
C ASN A 153 -8.09 -2.66 -2.10
N SER A 154 -8.08 -3.45 -1.04
CA SER A 154 -7.06 -4.49 -0.92
C SER A 154 -7.14 -5.63 -1.93
N GLY A 155 -8.32 -5.91 -2.43
CA GLY A 155 -8.47 -6.99 -3.39
C GLY A 155 -9.18 -6.61 -4.67
N VAL A 156 -9.20 -5.31 -4.98
CA VAL A 156 -9.86 -4.82 -6.17
C VAL A 156 -9.05 -5.04 -7.45
N TYR A 157 -7.73 -5.12 -7.31
CA TYR A 157 -6.82 -5.32 -8.44
C TYR A 157 -6.55 -6.81 -8.67
N THR A 158 -6.49 -7.57 -7.57
CA THR A 158 -6.34 -9.02 -7.65
C THR A 158 -7.66 -9.74 -7.97
N LEU A 167 -17.39 -7.05 -13.90
CA LEU A 167 -16.34 -6.02 -13.97
C LEU A 167 -16.95 -4.60 -13.90
N GLU A 168 -18.28 -4.51 -14.06
CA GLU A 168 -19.04 -3.27 -13.78
C GLU A 168 -19.40 -3.18 -12.29
N GLU A 169 -19.24 -4.31 -11.60
CA GLU A 169 -19.17 -4.35 -10.14
C GLU A 169 -17.95 -3.55 -9.64
N LYS A 170 -16.87 -3.53 -10.42
CA LYS A 170 -15.66 -2.82 -10.08
C LYS A 170 -15.86 -1.32 -10.14
N ASP A 171 -16.71 -0.86 -11.07
CA ASP A 171 -17.09 0.55 -11.12
C ASP A 171 -17.82 0.96 -9.84
N HIS A 172 -18.57 0.02 -9.27
CA HIS A 172 -19.32 0.30 -8.07
C HIS A 172 -18.36 0.51 -6.87
N ILE A 173 -17.45 -0.44 -6.70
CA ILE A 173 -16.44 -0.37 -5.66
C ILE A 173 -15.63 0.90 -5.86
N HIS A 174 -15.35 1.22 -7.13
CA HIS A 174 -14.59 2.40 -7.49
C HIS A 174 -15.34 3.67 -7.09
N ARG A 175 -16.66 3.64 -7.26
CA ARG A 175 -17.49 4.78 -6.90
C ARG A 175 -17.58 4.90 -5.37
N VAL A 176 -17.67 3.77 -4.69
CA VAL A 176 -17.74 3.79 -3.23
C VAL A 176 -16.46 4.46 -2.73
N LEU A 177 -15.31 3.96 -3.17
CA LEU A 177 -14.01 4.58 -2.85
C LEU A 177 -13.98 6.06 -3.09
N ASP A 178 -14.49 6.53 -4.23
CA ASP A 178 -14.61 8.00 -4.50
C ASP A 178 -15.46 8.74 -3.45
N LYS A 179 -16.55 8.10 -3.02
CA LYS A 179 -17.40 8.63 -1.94
C LYS A 179 -16.67 8.77 -0.58
N ILE A 180 -15.99 7.70 -0.17
CA ILE A 180 -15.11 7.76 1.02
C ILE A 180 -14.07 8.85 0.89
N THR A 181 -13.45 9.02 -0.28
CA THR A 181 -12.46 10.12 -0.48
C THR A 181 -13.08 11.49 -0.30
N ASP A 182 -14.24 11.71 -0.92
CA ASP A 182 -15.11 12.89 -0.70
C ASP A 182 -15.39 13.16 0.75
N THR A 183 -15.72 12.10 1.48
CA THR A 183 -15.95 12.18 2.92
C THR A 183 -14.71 12.69 3.69
N LEU A 184 -13.55 12.06 3.46
CA LEU A 184 -12.27 12.51 4.02
C LEU A 184 -12.00 13.97 3.73
N ILE A 185 -12.16 14.38 2.47
CA ILE A 185 -11.91 15.77 2.08
C ILE A 185 -12.92 16.75 2.74
N HIS A 186 -14.18 16.36 2.86
CA HIS A 186 -15.20 17.14 3.61
C HIS A 186 -14.73 17.38 5.05
N LEU A 187 -14.46 16.27 5.76
CA LEU A 187 -13.81 16.29 7.10
C LEU A 187 -12.65 17.30 7.20
N MET A 188 -11.73 17.27 6.23
CA MET A 188 -10.58 18.21 6.24
C MET A 188 -10.94 19.66 5.87
N ALA A 189 -12.01 19.83 5.07
CA ALA A 189 -12.53 21.16 4.75
C ALA A 189 -13.20 21.73 6.00
N LYS A 190 -14.07 20.94 6.62
CA LYS A 190 -14.73 21.33 7.86
C LYS A 190 -13.78 21.69 8.98
N ALA A 191 -12.62 21.03 9.03
CA ALA A 191 -11.59 21.31 10.02
C ALA A 191 -10.73 22.52 9.67
N GLY A 192 -10.96 23.13 8.51
CA GLY A 192 -10.31 24.38 8.11
C GLY A 192 -8.99 24.31 7.39
N LEU A 193 -8.70 23.19 6.72
CA LEU A 193 -7.45 23.10 5.94
C LEU A 193 -7.70 23.76 4.60
N THR A 194 -6.68 24.37 4.00
CA THR A 194 -6.84 24.91 2.66
C THR A 194 -6.94 23.72 1.66
N LEU A 195 -7.22 24.05 0.39
CA LEU A 195 -7.26 23.07 -0.68
C LEU A 195 -6.00 22.26 -0.79
N GLN A 196 -4.85 22.95 -0.84
CA GLN A 196 -3.52 22.35 -0.97
C GLN A 196 -3.16 21.49 0.24
N GLN A 197 -3.65 21.91 1.43
CA GLN A 197 -3.45 21.15 2.66
C GLN A 197 -4.27 19.88 2.68
N GLN A 198 -5.51 19.97 2.20
CA GLN A 198 -6.41 18.85 2.08
C GLN A 198 -5.82 17.77 1.20
N HIS A 199 -5.29 18.17 0.03
CA HIS A 199 -4.70 17.25 -0.94
C HIS A 199 -3.45 16.54 -0.40
N GLN A 200 -2.58 17.34 0.20
CA GLN A 200 -1.39 16.86 0.92
C GLN A 200 -1.67 15.89 2.06
N ARG A 201 -2.64 16.25 2.91
CA ARG A 201 -3.01 15.41 4.03
C ARG A 201 -3.61 14.08 3.51
N LEU A 202 -4.50 14.16 2.52
CA LEU A 202 -5.06 12.98 1.88
C LEU A 202 -3.97 12.07 1.30
N ALA A 203 -3.02 12.68 0.59
CA ALA A 203 -1.87 11.96 0.05
C ALA A 203 -1.02 11.25 1.13
N GLN A 204 -0.77 11.94 2.25
CA GLN A 204 0.00 11.39 3.35
C GLN A 204 -0.71 10.19 3.96
N LEU A 205 -2.01 10.30 4.15
CA LEU A 205 -2.78 9.19 4.66
C LEU A 205 -2.77 7.99 3.73
N LEU A 206 -2.96 8.18 2.42
CA LEU A 206 -3.03 7.07 1.47
C LEU A 206 -1.70 6.35 1.30
N LEU A 207 -0.61 7.11 1.34
CA LEU A 207 0.72 6.53 1.35
C LEU A 207 1.02 5.65 2.56
N ILE A 208 0.48 6.00 3.73
CA ILE A 208 0.63 5.18 4.92
C ILE A 208 -0.06 3.85 4.68
N LEU A 209 -1.15 3.84 3.90
CA LEU A 209 -1.79 2.53 3.54
C LEU A 209 -0.87 1.58 2.80
N SER A 210 0.05 2.08 1.99
CA SER A 210 0.98 1.20 1.29
C SER A 210 1.92 0.54 2.30
N HIS A 211 2.28 1.30 3.33
CA HIS A 211 3.15 0.80 4.39
C HIS A 211 2.44 -0.28 5.19
N ILE A 212 1.13 -0.11 5.39
CA ILE A 212 0.35 -1.08 6.13
C ILE A 212 0.25 -2.36 5.29
N ARG A 213 0.13 -2.20 3.98
CA ARG A 213 0.09 -3.35 3.08
C ARG A 213 1.43 -4.09 3.25
N HIS A 214 2.53 -3.35 3.15
CA HIS A 214 3.82 -3.94 3.38
C HIS A 214 3.89 -4.79 4.68
N MET A 215 3.47 -4.20 5.78
CA MET A 215 3.44 -4.85 7.10
C MET A 215 2.56 -6.13 7.10
N SER A 216 1.41 -6.04 6.44
CA SER A 216 0.53 -7.20 6.29
C SER A 216 1.18 -8.30 5.46
N ASN A 217 1.89 -7.94 4.37
CA ASN A 217 2.64 -8.94 3.61
C ASN A 217 3.68 -9.65 4.50
N LYS A 218 4.42 -8.88 5.31
CA LYS A 218 5.39 -9.51 6.21
C LYS A 218 4.70 -10.33 7.32
N GLY A 219 3.61 -9.81 7.86
CA GLY A 219 2.79 -10.57 8.83
C GLY A 219 2.43 -11.91 8.21
N MET A 220 1.88 -11.89 7.00
CA MET A 220 1.44 -13.10 6.31
C MET A 220 2.56 -14.10 6.08
N GLU A 221 3.73 -13.60 5.71
CA GLU A 221 4.88 -14.45 5.48
C GLU A 221 5.17 -15.23 6.76
N HIS A 222 5.22 -14.51 7.87
CA HIS A 222 5.48 -15.10 9.17
C HIS A 222 4.44 -16.16 9.54
N LEU A 223 3.18 -15.92 9.20
CA LEU A 223 2.12 -16.86 9.54
C LEU A 223 2.13 -18.11 8.67
N TYR A 224 2.42 -17.94 7.38
CA TYR A 224 2.64 -19.07 6.46
C TYR A 224 3.88 -19.88 6.83
N SER A 225 4.85 -19.29 7.54
CA SER A 225 6.04 -20.04 7.92
C SER A 225 5.83 -20.95 9.14
N MET A 226 4.74 -20.73 9.89
CA MET A 226 4.39 -21.54 11.07
C MET A 226 3.89 -22.95 10.73
N VAL A 231 -1.82 -20.07 11.66
CA VAL A 231 -2.89 -20.44 10.77
C VAL A 231 -3.57 -19.21 10.18
N VAL A 232 -3.70 -19.19 8.85
CA VAL A 232 -4.31 -18.08 8.15
C VAL A 232 -5.73 -18.41 7.72
N PRO A 233 -6.68 -17.50 8.00
CA PRO A 233 -8.07 -17.69 7.62
C PRO A 233 -8.17 -18.00 6.13
N SER A 234 -8.71 -19.16 5.80
CA SER A 234 -8.84 -19.57 4.42
C SER A 234 -10.12 -19.05 3.76
N TYR A 235 -10.10 -18.99 2.44
CA TYR A 235 -11.27 -18.56 1.67
C TYR A 235 -12.59 -19.21 2.17
N ASP A 236 -12.52 -20.50 2.52
CA ASP A 236 -13.64 -21.31 2.96
C ASP A 236 -14.15 -20.93 4.34
N LEU A 237 -13.23 -20.85 5.32
CA LEU A 237 -13.57 -20.36 6.65
C LEU A 237 -14.30 -19.00 6.60
N LEU A 238 -13.79 -18.09 5.79
CA LEU A 238 -14.35 -16.75 5.71
C LEU A 238 -15.71 -16.78 5.06
N LEU A 239 -15.84 -17.67 4.08
CA LEU A 239 -17.06 -17.91 3.39
C LEU A 239 -18.11 -18.40 4.40
N GLU A 240 -17.76 -19.47 5.12
CA GLU A 240 -18.53 -19.98 6.25
C GLU A 240 -18.92 -18.87 7.25
N MET A 241 -18.00 -17.95 7.55
CA MET A 241 -18.29 -16.87 8.54
C MET A 241 -19.26 -15.81 8.05
N LEU A 242 -19.11 -15.41 6.80
CA LEU A 242 -20.00 -14.40 6.20
C LEU A 242 -21.39 -14.98 5.99
N ASP A 243 -21.45 -16.25 5.61
CA ASP A 243 -22.72 -16.95 5.42
C ASP A 243 -23.43 -17.17 6.74
N ALA A 244 -22.68 -17.51 7.80
CA ALA A 244 -23.20 -17.75 9.15
C ALA A 244 -23.80 -16.50 9.78
N HIS A 245 -23.34 -15.32 9.36
CA HIS A 245 -23.81 -14.03 9.85
C HIS A 245 -25.32 -13.85 9.65
N ARG A 246 -25.82 -14.45 8.58
CA ARG A 246 -27.23 -14.42 8.20
C ARG A 246 -28.10 -15.16 9.20
N LEU A 247 -27.50 -15.98 10.02
CA LEU A 247 -28.26 -16.66 11.02
C LEU A 247 -28.07 -16.02 12.39
N HIS A 248 -27.38 -14.88 12.47
CA HIS A 248 -27.23 -14.17 13.75
C HIS A 248 -28.45 -13.32 14.04
N ALA A 249 -28.82 -13.26 15.31
CA ALA A 249 -29.91 -12.41 15.78
C ALA A 249 -29.56 -10.93 15.71
N PRO A 250 -30.41 -10.12 15.03
CA PRO A 250 -30.26 -8.68 14.95
C PRO A 250 -30.77 -8.00 16.22
N MET B 4 17.54 24.27 -3.38
CA MET B 4 17.25 24.19 -4.83
C MET B 4 15.98 23.38 -5.19
N ALA B 5 15.84 22.20 -4.58
CA ALA B 5 14.70 21.30 -4.82
C ALA B 5 13.33 21.94 -4.53
N LEU B 6 13.15 22.45 -3.31
CA LEU B 6 11.84 22.90 -2.84
C LEU B 6 11.29 24.21 -3.44
N SER B 7 12.13 24.87 -4.24
CA SER B 7 11.80 26.15 -4.83
C SER B 7 11.23 26.07 -6.25
N LEU B 8 11.31 24.89 -6.88
CA LEU B 8 10.77 24.66 -8.23
C LEU B 8 9.26 24.90 -8.32
N THR B 9 8.80 25.23 -9.52
CA THR B 9 7.36 25.30 -9.82
C THR B 9 6.97 23.89 -10.27
N ALA B 10 5.67 23.61 -10.26
CA ALA B 10 5.16 22.32 -10.72
C ALA B 10 5.53 22.01 -12.16
N ASP B 11 5.67 23.06 -12.96
CA ASP B 11 6.15 22.97 -14.33
C ASP B 11 7.62 22.58 -14.38
N GLN B 12 8.45 23.25 -13.59
CA GLN B 12 9.87 22.89 -13.45
C GLN B 12 10.07 21.51 -12.80
N MET B 13 9.16 21.14 -11.89
CA MET B 13 9.14 19.80 -11.31
C MET B 13 8.91 18.75 -12.37
N VAL B 14 7.84 18.89 -13.13
CA VAL B 14 7.55 17.95 -14.22
C VAL B 14 8.67 17.87 -15.26
N SER B 15 9.19 19.03 -15.70
CA SER B 15 10.29 19.06 -16.67
C SER B 15 11.51 18.28 -16.19
N ALA B 16 12.00 18.64 -15.01
CA ALA B 16 13.05 17.89 -14.35
C ALA B 16 12.74 16.39 -14.29
N LEU B 17 11.52 16.02 -13.90
CA LEU B 17 11.21 14.60 -13.81
C LEU B 17 11.21 13.97 -15.18
N LEU B 18 10.63 14.66 -16.17
CA LEU B 18 10.63 14.15 -17.52
C LEU B 18 12.05 13.99 -18.05
N ASP B 19 12.93 14.99 -17.85
CA ASP B 19 14.37 14.92 -18.28
C ASP B 19 15.16 13.74 -17.75
N ALA B 20 14.99 13.47 -16.45
CA ALA B 20 15.76 12.44 -15.73
C ALA B 20 15.38 11.01 -16.11
N GLU B 21 14.39 10.86 -17.01
CA GLU B 21 13.80 9.56 -17.36
C GLU B 21 14.79 8.60 -18.00
N PRO B 22 14.89 7.35 -17.49
CA PRO B 22 15.89 6.44 -18.04
C PRO B 22 15.59 6.11 -19.52
N PRO B 23 16.60 5.60 -20.29
CA PRO B 23 16.35 5.12 -21.64
C PRO B 23 15.64 3.78 -21.68
N ILE B 24 15.06 3.45 -22.83
CA ILE B 24 14.48 2.14 -23.11
C ILE B 24 15.60 1.21 -23.49
N LEU B 25 15.64 0.02 -22.89
CA LEU B 25 16.75 -0.91 -23.09
C LEU B 25 16.23 -2.14 -23.74
N TYR B 26 17.08 -2.79 -24.51
CA TYR B 26 16.69 -4.05 -25.17
C TYR B 26 17.12 -5.20 -24.35
N SER B 27 16.39 -6.30 -24.51
CA SER B 27 16.79 -7.58 -23.99
C SER B 27 17.92 -8.11 -24.91
N GLU B 28 18.79 -8.97 -24.36
CA GLU B 28 19.88 -9.62 -25.10
C GLU B 28 19.37 -10.12 -26.46
N TYR B 29 20.04 -9.70 -27.53
CA TYR B 29 19.56 -9.96 -28.91
C TYR B 29 19.46 -11.45 -29.24
N PRO B 34 12.30 -20.00 -29.72
CA PRO B 34 11.32 -19.87 -28.59
C PRO B 34 11.99 -20.21 -27.24
N PHE B 35 11.29 -20.00 -26.13
CA PHE B 35 11.94 -19.84 -24.82
C PHE B 35 11.66 -20.91 -23.75
N SER B 36 12.64 -21.12 -22.88
CA SER B 36 12.51 -22.01 -21.72
C SER B 36 12.58 -21.24 -20.40
N GLU B 37 12.42 -21.96 -19.30
CA GLU B 37 12.57 -21.45 -17.93
C GLU B 37 13.91 -20.74 -17.69
N ALA B 38 15.00 -21.50 -17.79
CA ALA B 38 16.37 -20.96 -17.60
C ALA B 38 16.67 -19.78 -18.53
N SER B 39 16.20 -19.90 -19.77
CA SER B 39 16.30 -18.88 -20.82
C SER B 39 15.67 -17.55 -20.39
N MET B 40 14.38 -17.64 -20.03
CA MET B 40 13.56 -16.50 -19.61
C MET B 40 14.06 -15.83 -18.33
N MET B 41 14.42 -16.62 -17.30
CA MET B 41 14.98 -16.02 -16.07
C MET B 41 16.32 -15.30 -16.30
N GLY B 42 17.16 -15.87 -17.16
CA GLY B 42 18.44 -15.27 -17.50
C GLY B 42 18.27 -13.93 -18.18
N LEU B 43 17.36 -13.89 -19.14
CA LEU B 43 17.03 -12.70 -19.87
C LEU B 43 16.42 -11.59 -18.98
N LEU B 44 15.54 -11.97 -18.04
CA LEU B 44 14.90 -10.98 -17.11
C LEU B 44 15.89 -10.43 -16.11
N THR B 45 16.73 -11.32 -15.58
CA THR B 45 17.82 -10.96 -14.65
C THR B 45 18.84 -9.99 -15.26
N ASN B 46 19.27 -10.30 -16.48
CA ASN B 46 20.27 -9.49 -17.18
C ASN B 46 19.69 -8.14 -17.54
N LEU B 47 18.42 -8.13 -17.99
CA LEU B 47 17.69 -6.88 -18.24
C LEU B 47 17.50 -6.06 -16.93
N ALA B 48 16.98 -6.70 -15.88
CA ALA B 48 16.85 -6.06 -14.57
C ALA B 48 18.20 -5.49 -14.08
N ASP B 49 19.30 -6.26 -14.21
CA ASP B 49 20.65 -5.76 -13.84
C ASP B 49 21.10 -4.54 -14.63
N ARG B 50 20.77 -4.49 -15.91
CA ARG B 50 21.17 -3.31 -16.71
C ARG B 50 20.28 -2.15 -16.45
N GLU B 51 18.99 -2.37 -16.17
CA GLU B 51 18.10 -1.24 -15.74
C GLU B 51 18.52 -0.62 -14.39
N LEU B 52 19.09 -1.45 -13.53
CA LEU B 52 19.58 -0.97 -12.24
C LEU B 52 20.57 0.21 -12.34
N VAL B 53 21.55 0.10 -13.26
CA VAL B 53 22.54 1.19 -13.42
C VAL B 53 21.87 2.49 -13.82
N HIS B 54 20.96 2.43 -14.79
CA HIS B 54 20.16 3.61 -15.21
C HIS B 54 19.18 4.11 -14.16
N MET B 55 18.63 3.19 -13.36
CA MET B 55 17.77 3.65 -12.26
C MET B 55 18.56 4.52 -11.25
N ILE B 56 19.84 4.21 -11.02
CA ILE B 56 20.67 5.05 -10.12
C ILE B 56 20.81 6.47 -10.64
N ASN B 57 21.11 6.58 -11.93
CA ASN B 57 21.21 7.89 -12.62
C ASN B 57 19.88 8.62 -12.59
N TRP B 58 18.81 7.87 -12.80
CA TRP B 58 17.51 8.47 -12.65
C TRP B 58 17.31 8.99 -11.21
N ALA B 59 17.58 8.14 -10.20
CA ALA B 59 17.33 8.55 -8.78
C ALA B 59 18.12 9.82 -8.43
N LYS B 60 19.40 9.84 -8.82
CA LYS B 60 20.28 11.04 -8.60
C LYS B 60 19.74 12.35 -9.19
N ARG B 61 18.80 12.29 -10.14
CA ARG B 61 18.16 13.52 -10.69
C ARG B 61 16.72 13.83 -10.18
N VAL B 62 16.21 13.02 -9.25
CA VAL B 62 14.88 13.27 -8.67
C VAL B 62 15.15 14.40 -7.66
N PRO B 63 14.55 15.58 -7.88
CA PRO B 63 14.85 16.70 -6.96
C PRO B 63 14.74 16.30 -5.49
N GLY B 64 15.73 16.74 -4.72
CA GLY B 64 15.75 16.45 -3.30
C GLY B 64 16.55 15.23 -2.90
N PHE B 65 16.81 14.32 -3.84
CA PHE B 65 17.40 13.00 -3.52
C PHE B 65 18.88 13.07 -3.23
N VAL B 66 19.64 13.85 -4.02
CA VAL B 66 21.07 14.15 -3.71
C VAL B 66 21.31 14.98 -2.44
N ASP B 67 20.26 15.56 -1.87
CA ASP B 67 20.35 16.28 -0.57
C ASP B 67 20.48 15.32 0.60
N LEU B 68 20.16 14.04 0.38
CA LEU B 68 20.28 13.03 1.43
C LEU B 68 21.71 12.51 1.59
N THR B 69 22.01 12.03 2.79
CA THR B 69 23.22 11.26 3.06
C THR B 69 23.17 10.00 2.20
N LEU B 70 24.34 9.55 1.78
CA LEU B 70 24.50 8.35 0.99
C LEU B 70 23.85 7.09 1.60
N HIS B 71 23.96 6.92 2.91
CA HIS B 71 23.29 5.84 3.63
C HIS B 71 21.76 5.87 3.44
N ASP B 72 21.16 7.07 3.53
CA ASP B 72 19.73 7.31 3.27
C ASP B 72 19.30 7.02 1.83
N GLN B 73 20.17 7.37 0.90
CA GLN B 73 19.94 7.07 -0.52
C GLN B 73 19.93 5.55 -0.77
N VAL B 74 20.88 4.82 -0.20
CA VAL B 74 20.97 3.37 -0.39
C VAL B 74 19.71 2.74 0.19
N HIS B 75 19.27 3.17 1.38
CA HIS B 75 18.08 2.59 2.05
C HIS B 75 16.82 2.75 1.19
N LEU B 76 16.62 3.94 0.60
CA LEU B 76 15.48 4.18 -0.30
C LEU B 76 15.55 3.34 -1.51
N LEU B 77 16.74 3.24 -2.09
CA LEU B 77 16.85 2.42 -3.31
C LEU B 77 16.68 0.96 -2.97
N GLU B 78 17.18 0.55 -1.82
CA GLU B 78 17.08 -0.87 -1.46
C GLU B 78 15.61 -1.27 -1.28
N SER B 79 14.85 -0.43 -0.59
CA SER B 79 13.43 -0.64 -0.42
C SER B 79 12.57 -0.53 -1.74
N ALA B 80 13.01 0.29 -2.71
CA ALA B 80 12.11 0.72 -3.81
C ALA B 80 12.42 0.09 -5.15
N TRP B 81 13.61 -0.48 -5.31
CA TRP B 81 14.12 -0.84 -6.67
C TRP B 81 13.16 -1.74 -7.43
N LEU B 82 12.58 -2.73 -6.76
CA LEU B 82 11.73 -3.63 -7.50
C LEU B 82 10.35 -2.98 -7.84
N GLU B 83 9.83 -2.15 -6.93
CA GLU B 83 8.65 -1.30 -7.17
C GLU B 83 8.85 -0.39 -8.38
N ILE B 84 10.06 0.18 -8.45
CA ILE B 84 10.43 1.03 -9.60
C ILE B 84 10.53 0.24 -10.93
N LEU B 85 11.14 -0.95 -10.93
CA LEU B 85 11.08 -1.74 -12.15
C LEU B 85 9.65 -2.10 -12.51
N MET B 86 8.81 -2.41 -11.50
CA MET B 86 7.43 -2.83 -11.82
C MET B 86 6.58 -1.66 -12.32
N ILE B 87 6.70 -0.49 -11.71
CA ILE B 87 5.95 0.61 -12.26
C ILE B 87 6.34 0.92 -13.72
N GLY B 88 7.63 0.81 -14.05
CA GLY B 88 8.12 1.02 -15.42
C GLY B 88 7.49 0.02 -16.36
N LEU B 89 7.57 -1.25 -15.99
CA LEU B 89 6.97 -2.32 -16.79
C LEU B 89 5.46 -2.12 -17.08
N VAL B 90 4.73 -1.69 -16.07
CA VAL B 90 3.28 -1.59 -16.11
C VAL B 90 2.93 -0.38 -16.94
N TRP B 91 3.70 0.68 -16.78
CA TRP B 91 3.59 1.82 -17.68
C TRP B 91 3.73 1.37 -19.15
N ARG B 92 4.86 0.73 -19.47
CA ARG B 92 5.16 0.27 -20.82
C ARG B 92 4.15 -0.70 -21.42
N SER B 93 3.51 -1.50 -20.58
CA SER B 93 2.56 -2.49 -21.05
C SER B 93 1.12 -2.02 -21.11
N MET B 94 0.90 -0.73 -20.93
CA MET B 94 -0.45 -0.19 -20.95
C MET B 94 -1.22 -0.45 -22.24
N GLU B 95 -0.56 -0.22 -23.37
CA GLU B 95 -1.18 -0.40 -24.69
C GLU B 95 -1.02 -1.81 -25.28
N HIS B 96 -0.72 -2.79 -24.44
CA HIS B 96 -0.56 -4.17 -24.89
C HIS B 96 -1.32 -5.14 -24.00
N PRO B 97 -2.66 -5.09 -24.06
CA PRO B 97 -3.54 -5.95 -23.27
C PRO B 97 -3.13 -7.41 -23.32
N GLY B 98 -3.00 -8.01 -22.14
CA GLY B 98 -2.58 -9.43 -22.04
C GLY B 98 -1.08 -9.60 -22.18
N LYS B 99 -0.37 -8.50 -22.42
CA LYS B 99 1.07 -8.63 -22.65
C LYS B 99 1.91 -7.78 -21.71
N LEU B 100 3.05 -8.34 -21.30
CA LEU B 100 4.04 -7.57 -20.57
C LEU B 100 5.19 -7.14 -21.47
N LEU B 101 5.32 -5.83 -21.67
CA LEU B 101 6.41 -5.27 -22.47
C LEU B 101 7.70 -5.04 -21.67
N PHE B 102 8.48 -6.11 -21.48
CA PHE B 102 9.74 -5.97 -20.74
C PHE B 102 10.76 -5.13 -21.48
N ALA B 103 10.76 -5.19 -22.81
CA ALA B 103 11.69 -4.42 -23.66
C ALA B 103 11.06 -4.48 -25.05
N PRO B 104 11.40 -3.56 -25.99
CA PRO B 104 10.77 -3.63 -27.35
C PRO B 104 10.82 -5.01 -28.02
N ASN B 105 11.88 -5.77 -27.76
CA ASN B 105 12.09 -7.06 -28.37
C ASN B 105 11.75 -8.16 -27.39
N LEU B 106 11.04 -7.84 -26.30
CA LEU B 106 10.65 -8.85 -25.31
C LEU B 106 9.26 -8.60 -24.73
N LEU B 107 8.25 -8.96 -25.50
CA LEU B 107 6.85 -8.78 -25.16
C LEU B 107 6.28 -10.14 -24.83
N LEU B 108 5.93 -10.38 -23.57
CA LEU B 108 5.49 -11.72 -23.15
C LEU B 108 4.02 -11.81 -22.73
N ASP B 109 3.40 -12.97 -22.98
CA ASP B 109 2.02 -13.22 -22.56
C ASP B 109 2.00 -14.05 -21.26
N ARG B 110 0.82 -14.31 -20.69
CA ARG B 110 0.74 -15.05 -19.43
C ARG B 110 1.13 -16.52 -19.58
N ASN B 111 0.90 -17.08 -20.77
CA ASN B 111 1.32 -18.46 -21.07
C ASN B 111 2.83 -18.55 -20.91
N GLN B 112 3.53 -17.53 -21.40
CA GLN B 112 4.99 -17.45 -21.29
C GLN B 112 5.39 -17.33 -19.81
N GLY B 113 4.63 -16.56 -19.04
CA GLY B 113 4.75 -16.53 -17.57
C GLY B 113 4.73 -17.88 -16.86
N LYS B 114 4.00 -18.84 -17.44
CA LYS B 114 3.98 -20.22 -16.93
C LYS B 114 5.31 -21.00 -17.15
N SER B 115 6.29 -20.41 -17.84
CA SER B 115 7.63 -21.01 -18.01
C SER B 115 8.39 -21.22 -16.68
N VAL B 116 8.22 -20.29 -15.75
CA VAL B 116 8.81 -20.40 -14.41
C VAL B 116 7.74 -20.71 -13.37
N GLU B 117 8.04 -21.64 -12.46
CA GLU B 117 7.14 -21.99 -11.34
C GLU B 117 6.89 -20.81 -10.39
N GLY B 118 5.61 -20.51 -10.15
CA GLY B 118 5.22 -19.46 -9.19
C GLY B 118 5.26 -18.04 -9.73
N MET B 119 5.74 -17.89 -10.96
CA MET B 119 5.85 -16.58 -11.59
C MET B 119 4.54 -16.04 -12.21
N VAL B 120 3.61 -16.95 -12.50
CA VAL B 120 2.38 -16.61 -13.24
C VAL B 120 1.44 -15.71 -12.40
N GLU B 121 1.45 -15.93 -11.08
CA GLU B 121 0.73 -15.06 -10.13
C GLU B 121 1.22 -13.63 -10.28
N ILE B 122 2.53 -13.42 -10.13
CA ILE B 122 3.14 -12.10 -10.33
C ILE B 122 2.76 -11.47 -11.67
N PHE B 123 2.75 -12.27 -12.73
CA PHE B 123 2.37 -11.86 -14.07
C PHE B 123 0.92 -11.34 -14.16
N ASP B 124 0.01 -12.13 -13.57
CA ASP B 124 -1.41 -11.78 -13.52
C ASP B 124 -1.65 -10.45 -12.82
N MET B 125 -0.99 -10.25 -11.69
CA MET B 125 -1.10 -9.00 -10.95
C MET B 125 -0.55 -7.81 -11.73
N LEU B 126 0.58 -8.03 -12.42
CA LEU B 126 1.18 -6.96 -13.21
C LEU B 126 0.31 -6.58 -14.38
N LEU B 127 -0.26 -7.59 -15.05
CA LEU B 127 -1.27 -7.37 -16.14
C LEU B 127 -2.50 -6.60 -15.68
N ALA B 128 -3.05 -6.97 -14.51
CA ALA B 128 -4.22 -6.30 -13.93
C ALA B 128 -3.94 -4.82 -13.59
N THR B 129 -2.75 -4.54 -13.09
CA THR B 129 -2.34 -3.13 -12.80
C THR B 129 -2.23 -2.29 -14.05
N SER B 130 -1.57 -2.85 -15.05
CA SER B 130 -1.45 -2.27 -16.38
C SER B 130 -2.80 -1.91 -16.98
N SER B 131 -3.73 -2.86 -16.92
CA SER B 131 -5.10 -2.64 -17.40
C SER B 131 -5.81 -1.56 -16.58
N ARG B 132 -5.60 -1.59 -15.25
CA ARG B 132 -6.06 -0.50 -14.37
C ARG B 132 -5.53 0.89 -14.78
N PHE B 133 -4.23 1.05 -14.99
CA PHE B 133 -3.73 2.39 -15.41
C PHE B 133 -4.21 2.80 -16.80
N ARG B 134 -4.39 1.82 -17.66
CA ARG B 134 -4.90 2.08 -19.02
C ARG B 134 -6.32 2.65 -18.88
N MET B 135 -7.21 1.90 -18.21
CA MET B 135 -8.58 2.34 -17.84
C MET B 135 -8.62 3.77 -17.27
N MET B 136 -7.64 4.13 -16.43
CA MET B 136 -7.57 5.48 -15.87
C MET B 136 -6.96 6.50 -16.83
N ASN B 137 -6.45 6.00 -17.95
CA ASN B 137 -5.81 6.88 -18.96
C ASN B 137 -4.64 7.66 -18.31
N LEU B 138 -3.78 6.92 -17.61
CA LEU B 138 -2.62 7.51 -16.96
C LEU B 138 -1.74 8.23 -17.98
N GLN B 139 -1.39 9.46 -17.66
CA GLN B 139 -0.51 10.30 -18.46
C GLN B 139 0.94 10.23 -18.01
N GLY B 140 1.84 10.53 -18.95
CA GLY B 140 3.28 10.50 -18.70
C GLY B 140 3.76 11.34 -17.55
N GLU B 141 3.24 12.56 -17.49
CA GLU B 141 3.58 13.51 -16.46
C GLU B 141 3.19 13.02 -15.06
N GLU B 142 2.07 12.31 -14.98
CA GLU B 142 1.57 11.70 -13.74
C GLU B 142 2.42 10.48 -13.35
N PHE B 143 2.77 9.64 -14.35
CA PHE B 143 3.63 8.47 -14.17
C PHE B 143 4.97 8.82 -13.49
N VAL B 144 5.68 9.83 -13.99
CA VAL B 144 6.96 10.14 -13.40
C VAL B 144 6.79 10.66 -11.97
N CYS B 145 5.67 11.31 -11.71
CA CYS B 145 5.42 11.80 -10.37
C CYS B 145 5.25 10.61 -9.41
N LEU B 146 4.48 9.62 -9.84
CA LEU B 146 4.28 8.42 -9.04
C LEU B 146 5.58 7.64 -8.80
N LYS B 147 6.44 7.57 -9.83
CA LYS B 147 7.68 6.80 -9.76
C LYS B 147 8.59 7.46 -8.74
N SER B 148 8.56 8.80 -8.71
CA SER B 148 9.28 9.55 -7.71
C SER B 148 8.70 9.32 -6.31
N ILE B 149 7.37 9.25 -6.21
CA ILE B 149 6.76 9.03 -4.90
C ILE B 149 7.22 7.67 -4.38
N ILE B 150 7.23 6.66 -5.22
CA ILE B 150 7.72 5.32 -4.79
C ILE B 150 9.15 5.40 -4.23
N LEU B 151 10.03 6.07 -4.96
CA LEU B 151 11.38 6.19 -4.50
C LEU B 151 11.42 6.82 -3.12
N LEU B 152 10.66 7.90 -2.92
CA LEU B 152 10.80 8.65 -1.69
C LEU B 152 10.00 8.08 -0.51
N ASN B 153 8.86 7.44 -0.80
CA ASN B 153 7.96 6.91 0.20
C ASN B 153 8.38 5.51 0.66
N SER B 154 8.87 4.67 -0.25
CA SER B 154 8.93 3.24 0.04
C SER B 154 9.71 2.83 1.30
N GLY B 155 10.78 3.54 1.55
CA GLY B 155 11.66 3.22 2.62
C GLY B 155 11.61 4.22 3.75
N VAL B 156 10.77 5.25 3.63
CA VAL B 156 10.78 6.39 4.58
C VAL B 156 10.45 5.96 6.01
N TYR B 157 9.47 5.06 6.14
CA TYR B 157 8.97 4.61 7.46
C TYR B 157 9.78 3.41 8.00
N THR B 158 10.94 3.18 7.40
CA THR B 158 11.81 2.07 7.80
C THR B 158 13.28 2.46 7.92
N PHE B 159 13.56 3.76 8.09
CA PHE B 159 14.88 4.21 8.57
C PHE B 159 15.01 3.75 10.01
N LEU B 167 15.40 13.36 13.14
CA LEU B 167 14.85 13.11 11.82
C LEU B 167 14.40 14.44 11.18
N GLU B 168 15.33 15.38 11.14
CA GLU B 168 15.10 16.65 10.46
C GLU B 168 15.13 16.39 8.95
N GLU B 169 15.71 15.25 8.55
CA GLU B 169 15.79 14.84 7.16
C GLU B 169 14.53 14.06 6.78
N LYS B 170 13.76 13.66 7.79
CA LYS B 170 12.51 12.95 7.57
C LYS B 170 11.48 13.98 7.11
N ASP B 171 11.58 15.17 7.69
CA ASP B 171 10.68 16.25 7.34
C ASP B 171 11.00 16.68 5.92
N HIS B 172 12.29 16.70 5.60
CA HIS B 172 12.73 17.10 4.27
C HIS B 172 12.16 16.21 3.17
N ILE B 173 12.08 14.91 3.42
CA ILE B 173 11.53 13.98 2.43
C ILE B 173 10.03 14.22 2.28
N HIS B 174 9.37 14.41 3.43
CA HIS B 174 7.97 14.70 3.47
C HIS B 174 7.59 15.98 2.72
N ARG B 175 8.42 17.02 2.87
CA ARG B 175 8.27 18.25 2.07
C ARG B 175 8.38 18.01 0.54
N VAL B 176 9.37 17.24 0.09
CA VAL B 176 9.38 16.82 -1.32
C VAL B 176 8.10 16.03 -1.71
N LEU B 177 7.68 15.11 -0.83
CA LEU B 177 6.47 14.34 -1.13
C LEU B 177 5.26 15.25 -1.29
N ASP B 178 5.10 16.20 -0.37
CA ASP B 178 4.05 17.24 -0.46
C ASP B 178 4.10 18.02 -1.77
N LYS B 179 5.31 18.28 -2.25
CA LYS B 179 5.55 19.01 -3.48
C LYS B 179 5.14 18.18 -4.69
N ILE B 180 5.39 16.86 -4.65
CA ILE B 180 4.99 15.98 -5.76
C ILE B 180 3.46 15.88 -5.80
N THR B 181 2.81 15.80 -4.63
CA THR B 181 1.35 15.90 -4.54
C THR B 181 0.82 17.20 -5.23
N ASP B 182 1.36 18.37 -4.82
CA ASP B 182 1.06 19.69 -5.47
C ASP B 182 1.13 19.59 -6.99
N THR B 183 2.25 19.05 -7.47
CA THR B 183 2.53 18.86 -8.87
C THR B 183 1.49 17.97 -9.54
N LEU B 184 1.16 16.82 -8.94
CA LEU B 184 0.05 15.97 -9.46
C LEU B 184 -1.29 16.70 -9.60
N ILE B 185 -1.69 17.41 -8.55
CA ILE B 185 -2.89 18.25 -8.56
C ILE B 185 -2.88 19.29 -9.72
N HIS B 186 -1.78 20.03 -9.81
CA HIS B 186 -1.59 21.09 -10.82
C HIS B 186 -1.74 20.54 -12.23
N LEU B 187 -1.17 19.35 -12.49
CA LEU B 187 -1.35 18.70 -13.78
C LEU B 187 -2.82 18.45 -14.02
N MET B 188 -3.52 17.97 -12.98
CA MET B 188 -4.94 17.62 -13.09
C MET B 188 -5.83 18.85 -13.32
N ALA B 189 -5.43 19.98 -12.76
CA ALA B 189 -6.16 21.24 -12.98
C ALA B 189 -5.85 21.78 -14.40
N LYS B 190 -4.59 21.74 -14.84
CA LYS B 190 -4.25 22.11 -16.23
C LYS B 190 -5.01 21.22 -17.23
N ALA B 191 -5.26 19.96 -16.87
CA ALA B 191 -6.09 19.08 -17.70
C ALA B 191 -7.61 19.38 -17.58
N GLY B 192 -7.97 20.34 -16.74
CA GLY B 192 -9.36 20.81 -16.66
C GLY B 192 -10.27 19.93 -15.81
N LEU B 193 -9.70 19.15 -14.87
CA LEU B 193 -10.55 18.40 -13.93
C LEU B 193 -11.18 19.37 -12.94
N THR B 194 -12.41 19.07 -12.52
CA THR B 194 -13.04 19.80 -11.40
C THR B 194 -12.31 19.50 -10.08
N LEU B 195 -12.35 20.44 -9.15
CA LEU B 195 -11.94 20.21 -7.75
C LEU B 195 -12.26 18.84 -7.16
N GLN B 196 -13.53 18.46 -7.19
CA GLN B 196 -13.94 17.14 -6.77
C GLN B 196 -13.19 16.03 -7.52
N GLN B 197 -13.13 16.15 -8.85
CA GLN B 197 -12.46 15.15 -9.68
C GLN B 197 -10.95 15.05 -9.40
N GLN B 198 -10.32 16.14 -9.01
CA GLN B 198 -8.91 16.21 -8.65
C GLN B 198 -8.51 15.35 -7.42
N HIS B 199 -9.30 15.40 -6.36
CA HIS B 199 -8.97 14.62 -5.17
C HIS B 199 -9.31 13.15 -5.38
N GLN B 200 -10.35 12.89 -6.18
CA GLN B 200 -10.72 11.54 -6.55
C GLN B 200 -9.65 10.81 -7.39
N ARG B 201 -9.10 11.51 -8.41
CA ARG B 201 -8.04 10.94 -9.26
C ARG B 201 -6.77 10.74 -8.44
N LEU B 202 -6.40 11.73 -7.63
CA LEU B 202 -5.28 11.57 -6.70
C LEU B 202 -5.39 10.32 -5.83
N ALA B 203 -6.52 10.18 -5.14
CA ALA B 203 -6.81 8.99 -4.37
C ALA B 203 -6.63 7.74 -5.21
N GLN B 204 -7.24 7.68 -6.40
CA GLN B 204 -7.16 6.43 -7.22
C GLN B 204 -5.70 6.06 -7.55
N LEU B 205 -4.90 7.05 -7.96
CA LEU B 205 -3.47 6.85 -8.28
C LEU B 205 -2.65 6.34 -7.08
N LEU B 206 -2.83 6.96 -5.91
CA LEU B 206 -2.05 6.56 -4.74
C LEU B 206 -2.46 5.22 -4.17
N LEU B 207 -3.74 4.86 -4.26
CA LEU B 207 -4.18 3.51 -3.90
C LEU B 207 -3.56 2.44 -4.78
N ILE B 208 -3.32 2.73 -6.05
CA ILE B 208 -2.59 1.77 -6.90
C ILE B 208 -1.17 1.48 -6.40
N LEU B 209 -0.55 2.47 -5.74
CA LEU B 209 0.76 2.26 -5.13
C LEU B 209 0.80 1.15 -4.10
N SER B 210 -0.31 0.89 -3.42
CA SER B 210 -0.37 -0.18 -2.44
C SER B 210 -0.27 -1.52 -3.15
N HIS B 211 -0.87 -1.59 -4.34
CA HIS B 211 -0.84 -2.81 -5.13
C HIS B 211 0.57 -3.07 -5.65
N ILE B 212 1.26 -2.00 -6.02
CA ILE B 212 2.63 -2.13 -6.51
C ILE B 212 3.51 -2.61 -5.36
N ARG B 213 3.33 -2.03 -4.18
CA ARG B 213 4.09 -2.47 -3.01
C ARG B 213 3.84 -3.99 -2.78
N HIS B 214 2.59 -4.41 -2.88
CA HIS B 214 2.22 -5.81 -2.69
C HIS B 214 2.87 -6.71 -3.72
N MET B 215 2.88 -6.26 -4.96
CA MET B 215 3.48 -7.03 -6.04
C MET B 215 4.97 -7.17 -5.78
N SER B 216 5.59 -6.08 -5.36
CA SER B 216 7.01 -6.08 -5.04
C SER B 216 7.32 -7.06 -3.92
N ASN B 217 6.46 -7.14 -2.89
CA ASN B 217 6.75 -8.06 -1.79
C ASN B 217 6.63 -9.51 -2.28
N LYS B 218 5.66 -9.78 -3.16
CA LYS B 218 5.50 -11.13 -3.71
C LYS B 218 6.71 -11.45 -4.64
N GLY B 219 7.24 -10.43 -5.32
CA GLY B 219 8.45 -10.59 -6.18
C GLY B 219 9.64 -11.00 -5.33
N MET B 220 9.87 -10.29 -4.22
CA MET B 220 11.01 -10.59 -3.32
C MET B 220 10.96 -11.98 -2.75
N GLU B 221 9.76 -12.41 -2.34
CA GLU B 221 9.52 -13.75 -1.88
C GLU B 221 9.96 -14.73 -2.94
N HIS B 222 9.49 -14.55 -4.16
CA HIS B 222 9.87 -15.42 -5.26
C HIS B 222 11.37 -15.40 -5.52
N LEU B 223 11.99 -14.24 -5.36
CA LEU B 223 13.42 -14.07 -5.58
C LEU B 223 14.25 -14.76 -4.50
N TYR B 224 13.68 -14.90 -3.30
CA TYR B 224 14.36 -15.55 -2.18
C TYR B 224 14.09 -17.05 -2.12
N SER B 225 13.43 -17.58 -3.14
CA SER B 225 13.15 -19.00 -3.25
C SER B 225 14.06 -19.58 -4.32
N MET B 226 15.25 -18.99 -4.45
CA MET B 226 16.25 -19.41 -5.41
C MET B 226 17.60 -19.61 -4.74
N VAL B 231 20.30 -13.07 -7.40
CA VAL B 231 19.91 -12.62 -6.07
C VAL B 231 19.77 -11.09 -5.99
N VAL B 232 18.89 -10.62 -5.10
CA VAL B 232 18.65 -9.20 -4.74
C VAL B 232 19.93 -8.29 -4.62
N PRO B 233 19.91 -7.05 -5.18
CA PRO B 233 21.05 -6.14 -5.00
C PRO B 233 21.34 -5.76 -3.54
N SER B 234 22.54 -6.11 -3.09
CA SER B 234 22.97 -5.86 -1.73
C SER B 234 23.18 -4.38 -1.45
N TYR B 235 23.22 -4.05 -0.17
CA TYR B 235 23.44 -2.69 0.28
C TYR B 235 24.80 -2.19 -0.22
N ASP B 236 25.82 -3.04 -0.12
CA ASP B 236 27.16 -2.70 -0.56
C ASP B 236 27.23 -2.36 -2.04
N LEU B 237 26.61 -3.19 -2.87
CA LEU B 237 26.61 -2.95 -4.31
C LEU B 237 25.92 -1.64 -4.63
N LEU B 238 24.77 -1.41 -4.02
CA LEU B 238 24.02 -0.19 -4.22
C LEU B 238 24.83 1.04 -3.84
N LEU B 239 25.52 0.96 -2.72
CA LEU B 239 26.36 2.06 -2.27
C LEU B 239 27.47 2.31 -3.27
N GLU B 240 28.09 1.24 -3.75
CA GLU B 240 29.17 1.34 -4.72
C GLU B 240 28.74 2.11 -5.94
N MET B 241 27.62 1.72 -6.52
CA MET B 241 27.10 2.38 -7.73
C MET B 241 26.69 3.82 -7.45
N LEU B 242 26.10 4.05 -6.27
CA LEU B 242 25.66 5.37 -5.89
C LEU B 242 26.84 6.31 -5.66
N ASP B 243 27.92 5.76 -5.11
CA ASP B 243 29.11 6.54 -4.84
C ASP B 243 29.93 6.73 -6.11
N ALA B 244 29.78 5.81 -7.05
CA ALA B 244 30.49 5.87 -8.32
C ALA B 244 29.96 6.94 -9.27
N HIS B 245 28.73 7.38 -9.05
CA HIS B 245 28.10 8.41 -9.87
C HIS B 245 28.77 9.77 -9.68
C1 QNH C . 0.05 -8.78 14.29
C2 QNH C . -1.25 -7.99 14.36
C3 QNH C . -2.22 -8.55 15.36
C7 QNH C . -4.16 -8.24 16.79
C8 QNH C . -3.26 -7.73 15.84
C9 QNH C . -3.69 -6.40 15.63
C10 QNH C . -0.99 -10.78 15.39
C11 QNH C . 0.95 -11.05 13.87
C12 QNH C . 1.28 -11.14 12.40
C13 QNH C . -1.60 -12.11 14.98
C14 QNH C . -1.37 -13.28 15.72
C15 QNH C . -2.01 -14.44 15.35
C16 QNH C . -2.87 -14.44 14.26
C19 QNH C . -4.96 -16.74 12.09
C20 QNH C . -6.09 -16.03 13.70
C21 QNH C . -6.86 -18.24 12.71
C22 QNH C . -8.06 -18.63 11.86
C23 QNH C . -9.23 -17.63 12.02
N5 QNH C . -6.39 -16.87 12.49
C18 QNH C . -4.74 -15.58 13.05
N4 QNH C . -3.53 -15.60 13.87
C17 QNH C . -3.05 -13.24 13.58
N3 QNH C . -2.45 -12.09 13.94
N2 QNH C . -0.22 -10.23 14.24
F2 QNH C . 0.33 -11.76 11.70
F1 QNH C . 1.46 -9.95 11.83
F QNH C . 2.41 -11.82 12.19
C QNH C . 1.05 -8.35 15.36
C4 QNH C . -2.13 -9.87 15.84
C5 QNH C . -3.03 -10.33 16.80
C6 QNH C . -4.07 -9.54 17.27
N1 QNH C . -5.04 -7.23 17.06
N QNH C . -4.77 -6.12 16.33
C1 QNH D . 9.32 -8.76 -12.44
C2 QNH D . 9.66 -7.34 -12.87
C3 QNH D . 10.87 -7.25 -13.77
C7 QNH D . 12.19 -6.03 -15.41
C8 QNH D . 11.07 -6.10 -14.57
C9 QNH D . 10.39 -4.87 -14.77
C10 QNH D . 11.64 -9.57 -13.03
C11 QNH D . 10.29 -10.78 -11.39
C12 QNH D . 10.23 -10.71 -9.88
C13 QNH D . 12.96 -9.80 -12.29
C14 QNH D . 13.72 -10.94 -12.52
C15 QNH D . 14.93 -11.09 -11.85
C16 QNH D . 15.35 -10.10 -10.96
C19 QNH D . 18.08 -8.13 -10.36
C20 QNH D . 19.05 -9.90 -9.75
C21 QNH D . 20.20 -7.80 -9.04
N5 QNH D . 19.49 -8.52 -10.10
C18 QNH D . 17.81 -9.65 -10.67
N4 QNH D . 16.53 -10.22 -10.24
C17 QNH D . 14.52 -8.99 -10.81
N3 QNH D . 13.36 -8.83 -11.45
N2 QNH D . 10.55 -9.49 -12.04
F2 QNH D . 11.31 -10.12 -9.36
F1 QNH D . 9.19 -10.01 -9.44
F QNH D . 10.14 -11.92 -9.33
C QNH D . 8.46 -9.50 -13.47
C4 QNH D . 11.81 -8.30 -13.85
C5 QNH D . 12.88 -8.20 -14.73
C6 QNH D . 13.11 -7.07 -15.50
N1 QNH D . 12.12 -4.84 -16.05
N QNH D . 11.04 -4.11 -15.65
#